data_9JZ4
#
_entry.id   9JZ4
#
_cell.length_a   68.660
_cell.length_b   68.660
_cell.length_c   79.970
_cell.angle_alpha   90.00
_cell.angle_beta   90.00
_cell.angle_gamma   120.00
#
_symmetry.space_group_name_H-M   'P 31 2 1'
#
loop_
_entity.id
_entity.type
_entity.pdbx_description
1 polymer 'Peptidyl-prolyl cis-trans isomerase NIMA-interacting 1'
2 non-polymer 1,3-dihydro-2-benzofuran-5-amine
3 non-polymer 2-{2-[2-(2-{2-[2-(2-ETHOXY-ETHOXY)-ETHOXY]-ETHOXY}-ETHOXY)-ETHOXY]-ETHOXY}-ETHANOL
4 non-polymer 'SULFATE ION'
5 water water
#
_entity_poly.entity_id   1
_entity_poly.type   'polypeptide(L)'
_entity_poly.pdbx_seq_one_letter_code
;MADEEKLPPGWEKAMSRSSGRVYYFNHITNASQWERPSGNSSSGGKNGQGEPARVRCSHLLVKHSQSRRPSSWRQEKITR
TKEEALELINGYIQKIKSGEEDFESLASQFSDCSSAKARGDLGAFSRGQMQKPFEDASFALRTGEMSGPVFTDSGIHIIL
RTE
;
_entity_poly.pdbx_strand_id   A
#
loop_
_chem_comp.id
_chem_comp.type
_chem_comp.name
_chem_comp.formula
A1ED5 non-polymer 1,3-dihydro-2-benzofuran-5-amine 'C8 H9 N O'
PE4 non-polymer 2-{2-[2-(2-{2-[2-(2-ETHOXY-ETHOXY)-ETHOXY]-ETHOXY}-ETHOXY)-ETHOXY]-ETHOXY}-ETHANOL 'C16 H34 O8'
SO4 non-polymer 'SULFATE ION' 'O4 S -2'
#
# COMPACT_ATOMS: atom_id res chain seq x y z
N LYS A 6 6.40 -23.73 3.96
CA LYS A 6 7.34 -22.98 4.79
C LYS A 6 6.63 -21.78 5.46
N LEU A 7 6.36 -20.73 4.68
CA LEU A 7 5.88 -19.45 5.15
C LEU A 7 4.53 -19.08 4.51
N PRO A 8 3.80 -18.16 5.12
CA PRO A 8 2.49 -17.73 4.58
C PRO A 8 2.60 -17.26 3.14
N PRO A 9 1.47 -17.12 2.43
CA PRO A 9 1.52 -16.85 0.98
C PRO A 9 2.23 -15.55 0.64
N GLY A 10 3.26 -15.66 -0.20
CA GLY A 10 3.97 -14.52 -0.71
C GLY A 10 5.30 -14.22 -0.03
N TRP A 11 5.61 -14.89 1.07
CA TRP A 11 6.72 -14.51 1.94
C TRP A 11 7.99 -15.28 1.61
N GLU A 12 9.11 -14.57 1.60
CA GLU A 12 10.40 -15.19 1.38
C GLU A 12 11.41 -14.59 2.35
N LYS A 13 12.45 -15.38 2.63
CA LYS A 13 13.58 -14.89 3.42
C LYS A 13 14.50 -14.06 2.53
N ALA A 14 15.11 -13.04 3.12
CA ALA A 14 16.09 -12.25 2.42
C ALA A 14 17.18 -11.83 3.41
N MET A 15 18.27 -11.28 2.87
CA MET A 15 19.34 -10.73 3.70
C MET A 15 19.42 -9.23 3.52
N SER A 16 19.59 -8.52 4.63
CA SER A 16 19.81 -7.09 4.58
C SER A 16 21.21 -6.81 4.07
N ARG A 17 21.32 -5.86 3.13
CA ARG A 17 22.62 -5.49 2.60
C ARG A 17 23.44 -4.69 3.60
N SER A 18 22.81 -3.80 4.35
CA SER A 18 23.62 -2.98 5.22
C SER A 18 23.98 -3.71 6.52
N SER A 19 23.08 -4.52 7.05
CA SER A 19 23.23 -5.10 8.38
C SER A 19 23.57 -6.58 8.38
N GLY A 20 23.22 -7.30 7.34
CA GLY A 20 23.53 -8.74 7.25
C GLY A 20 22.54 -9.67 7.94
N ARG A 21 21.47 -9.13 8.51
CA ARG A 21 20.46 -9.96 9.22
C ARG A 21 19.37 -10.41 8.25
N VAL A 22 18.77 -11.57 8.50
CA VAL A 22 17.68 -12.01 7.66
C VAL A 22 16.49 -11.08 7.89
N TYR A 23 15.71 -10.88 6.85
CA TYR A 23 14.41 -10.26 6.99
C TYR A 23 13.43 -11.04 6.13
N TYR A 24 12.17 -10.62 6.18
CA TYR A 24 11.12 -11.28 5.43
C TYR A 24 10.47 -10.28 4.51
N PHE A 25 10.23 -10.71 3.27
CA PHE A 25 9.71 -9.86 2.21
C PHE A 25 8.55 -10.61 1.59
N ASN A 26 7.50 -9.88 1.21
CA ASN A 26 6.34 -10.47 0.56
C ASN A 26 6.25 -9.89 -0.84
N HIS A 27 6.37 -10.74 -1.87
CA HIS A 27 6.42 -10.23 -3.23
C HIS A 27 5.03 -9.91 -3.78
N ILE A 28 3.96 -10.29 -3.07
CA ILE A 28 2.61 -9.88 -3.46
C ILE A 28 2.26 -8.51 -2.90
N THR A 29 2.59 -8.23 -1.63
CA THR A 29 2.24 -6.97 -0.99
C THR A 29 3.36 -5.95 -0.96
N ASN A 30 4.59 -6.37 -1.27
CA ASN A 30 5.81 -5.57 -1.12
C ASN A 30 6.05 -5.15 0.34
N ALA A 31 5.42 -5.85 1.29
CA ALA A 31 5.77 -5.69 2.69
C ALA A 31 7.16 -6.25 2.97
N SER A 32 7.83 -5.67 3.95
CA SER A 32 9.09 -6.23 4.43
C SER A 32 9.24 -5.88 5.90
N GLN A 33 9.76 -6.82 6.68
CA GLN A 33 9.87 -6.66 8.13
C GLN A 33 10.96 -7.57 8.65
N TRP A 34 11.40 -7.32 9.89
CA TRP A 34 12.45 -8.16 10.47
C TRP A 34 11.89 -9.48 11.01
N GLU A 35 10.64 -9.47 11.51
CA GLU A 35 10.11 -10.64 12.20
C GLU A 35 9.48 -11.64 11.21
N ARG A 36 9.57 -12.93 11.55
CA ARG A 36 9.02 -14.03 10.76
C ARG A 36 7.50 -13.91 10.74
N PRO A 37 6.86 -13.89 9.56
CA PRO A 37 5.41 -13.65 9.48
C PRO A 37 4.59 -14.64 10.31
N SER A 38 3.38 -14.22 10.67
CA SER A 38 2.53 -15.00 11.56
C SER A 38 1.71 -16.04 10.80
N GLY A 39 1.47 -17.18 11.47
CA GLY A 39 0.56 -18.22 11.00
C GLY A 39 0.60 -18.59 9.53
N GLU A 51 -9.09 -18.67 1.98
CA GLU A 51 -9.09 -17.22 2.06
C GLU A 51 -10.55 -16.73 2.12
N PRO A 52 -10.78 -15.60 2.79
CA PRO A 52 -12.17 -15.14 2.99
C PRO A 52 -12.75 -14.60 1.69
N ALA A 53 -14.08 -14.60 1.62
CA ALA A 53 -14.75 -14.12 0.43
C ALA A 53 -14.48 -12.65 0.19
N ARG A 54 -14.34 -11.88 1.26
CA ARG A 54 -14.26 -10.42 1.19
C ARG A 54 -13.23 -9.94 2.19
N VAL A 55 -12.58 -8.83 1.86
CA VAL A 55 -11.73 -8.09 2.80
C VAL A 55 -12.13 -6.63 2.70
N ARG A 56 -11.79 -5.88 3.74
CA ARG A 56 -12.00 -4.44 3.79
C ARG A 56 -10.65 -3.78 3.94
N CYS A 57 -10.40 -2.73 3.14
CA CYS A 57 -9.11 -2.07 3.16
C CYS A 57 -9.31 -0.57 3.06
N SER A 58 -8.30 0.14 3.55
CA SER A 58 -8.08 1.55 3.25
C SER A 58 -6.84 1.68 2.39
N HIS A 59 -6.68 2.84 1.75
CA HIS A 59 -5.46 3.02 0.98
C HIS A 59 -5.08 4.49 0.89
N LEU A 60 -3.81 4.72 0.57
CA LEU A 60 -3.28 6.04 0.25
C LEU A 60 -2.71 5.93 -1.15
N LEU A 61 -3.26 6.74 -2.07
CA LEU A 61 -2.86 6.70 -3.46
C LEU A 61 -2.06 7.96 -3.78
N VAL A 62 -0.90 7.79 -4.40
CA VAL A 62 -0.13 8.90 -4.93
C VAL A 62 -0.10 8.73 -6.44
N LYS A 63 -0.66 9.68 -7.16
CA LYS A 63 -0.74 9.61 -8.61
C LYS A 63 0.50 10.21 -9.23
N HIS A 64 0.73 9.89 -10.51
CA HIS A 64 1.86 10.45 -11.22
C HIS A 64 1.45 10.73 -12.66
N SER A 65 2.41 11.23 -13.44
CA SER A 65 2.08 11.69 -14.79
C SER A 65 1.63 10.56 -15.72
N GLN A 66 2.02 9.31 -15.46
CA GLN A 66 1.54 8.20 -16.27
C GLN A 66 0.32 7.50 -15.66
N SER A 67 -0.30 8.09 -14.64
CA SER A 67 -1.55 7.55 -14.13
C SER A 67 -2.64 7.59 -15.20
N ARG A 68 -3.61 6.67 -15.10
CA ARG A 68 -4.69 6.64 -16.07
C ARG A 68 -5.52 7.92 -16.09
N ARG A 69 -5.73 8.55 -14.93
CA ARG A 69 -6.26 9.91 -14.89
C ARG A 69 -5.37 10.77 -14.01
N PRO A 70 -4.44 11.52 -14.61
CA PRO A 70 -3.47 12.34 -13.87
C PRO A 70 -4.10 13.60 -13.29
N SER A 71 -5.12 13.38 -12.46
CA SER A 71 -5.91 14.45 -11.88
C SER A 71 -6.48 13.94 -10.57
N SER A 72 -6.53 14.79 -9.56
CA SER A 72 -7.13 14.41 -8.28
C SER A 72 -7.78 15.61 -7.63
N TRP A 73 -8.50 15.36 -6.54
CA TRP A 73 -9.03 16.44 -5.74
C TRP A 73 -7.94 17.36 -5.22
N ARG A 74 -6.70 16.85 -5.07
CA ARG A 74 -5.60 17.68 -4.59
C ARG A 74 -4.97 18.53 -5.68
N GLN A 75 -4.98 18.05 -6.91
CA GLN A 75 -4.30 18.72 -8.01
C GLN A 75 -5.11 18.48 -9.26
N GLU A 76 -5.47 19.57 -9.95
CA GLU A 76 -6.15 19.42 -11.23
C GLU A 76 -5.27 18.74 -12.27
N LYS A 77 -4.00 19.15 -12.35
CA LYS A 77 -3.05 18.51 -13.26
C LYS A 77 -1.92 17.94 -12.40
N ILE A 78 -1.81 16.62 -12.38
CA ILE A 78 -0.75 15.95 -11.62
C ILE A 78 0.42 15.70 -12.56
N THR A 79 1.58 16.27 -12.23
CA THR A 79 2.73 16.26 -13.11
C THR A 79 3.90 15.42 -12.59
N ARG A 80 3.89 15.05 -11.32
CA ARG A 80 5.04 14.37 -10.75
C ARG A 80 5.34 13.07 -11.49
N THR A 81 6.63 12.74 -11.56
CA THR A 81 7.05 11.49 -12.18
C THR A 81 6.71 10.30 -11.29
N LYS A 82 6.60 9.13 -11.93
CA LYS A 82 6.47 7.87 -11.21
C LYS A 82 7.52 7.76 -10.10
N GLU A 83 8.76 8.13 -10.41
CA GLU A 83 9.83 7.99 -9.44
C GLU A 83 9.59 8.93 -8.26
N GLU A 84 9.12 10.14 -8.53
CA GLU A 84 8.81 11.08 -7.46
C GLU A 84 7.65 10.57 -6.61
N ALA A 85 6.65 9.94 -7.25
CA ALA A 85 5.53 9.40 -6.50
C ALA A 85 5.97 8.24 -5.62
N LEU A 86 6.91 7.42 -6.10
CA LEU A 86 7.42 6.35 -5.26
C LEU A 86 8.20 6.88 -4.07
N GLU A 87 8.92 7.98 -4.26
CA GLU A 87 9.64 8.56 -3.12
C GLU A 87 8.65 9.06 -2.09
N LEU A 88 7.56 9.69 -2.52
CA LEU A 88 6.53 10.14 -1.59
C LEU A 88 5.94 8.95 -0.83
N ILE A 89 5.61 7.87 -1.56
CA ILE A 89 5.08 6.66 -0.93
C ILE A 89 6.06 6.13 0.09
N ASN A 90 7.34 6.06 -0.28
CA ASN A 90 8.35 5.51 0.63
C ASN A 90 8.46 6.37 1.88
N GLY A 91 8.35 7.69 1.72
CA GLY A 91 8.36 8.57 2.87
C GLY A 91 7.15 8.39 3.78
N TYR A 92 5.95 8.24 3.21
CA TYR A 92 4.78 8.02 4.07
C TYR A 92 4.90 6.70 4.83
N ILE A 93 5.40 5.66 4.16
CA ILE A 93 5.57 4.38 4.85
C ILE A 93 6.51 4.55 6.04
N GLN A 94 7.62 5.27 5.85
CA GLN A 94 8.55 5.47 6.95
C GLN A 94 7.89 6.15 8.12
N LYS A 95 7.14 7.24 7.86
CA LYS A 95 6.47 7.94 8.95
C LYS A 95 5.38 7.10 9.60
N ILE A 96 4.66 6.27 8.84
CA ILE A 96 3.69 5.36 9.44
C ILE A 96 4.39 4.32 10.32
N LYS A 97 5.47 3.74 9.82
CA LYS A 97 6.16 2.69 10.55
C LYS A 97 6.85 3.22 11.80
N SER A 98 7.36 4.44 11.74
CA SER A 98 7.99 5.02 12.92
C SER A 98 6.98 5.54 13.93
N GLY A 99 5.71 5.66 13.54
CA GLY A 99 4.69 6.19 14.41
C GLY A 99 4.60 7.70 14.45
N GLU A 100 5.46 8.42 13.72
CA GLU A 100 5.30 9.87 13.64
C GLU A 100 3.95 10.24 13.07
N GLU A 101 3.42 9.42 12.17
CA GLU A 101 2.14 9.72 11.57
C GLU A 101 1.28 8.46 11.51
N ASP A 102 -0.02 8.64 11.69
CA ASP A 102 -0.98 7.55 11.51
C ASP A 102 -1.30 7.40 10.03
N PHE A 103 -1.59 6.17 9.61
CA PHE A 103 -1.99 5.96 8.22
C PHE A 103 -3.19 6.83 7.85
N GLU A 104 -4.09 7.06 8.79
CA GLU A 104 -5.33 7.77 8.50
C GLU A 104 -5.10 9.26 8.24
N SER A 105 -4.29 9.89 9.08
CA SER A 105 -4.02 11.30 8.90
C SER A 105 -3.34 11.54 7.56
N LEU A 106 -2.39 10.68 7.17
CA LEU A 106 -1.73 10.83 5.88
C LEU A 106 -2.68 10.56 4.72
N ALA A 107 -3.53 9.54 4.83
CA ALA A 107 -4.49 9.30 3.75
C ALA A 107 -5.42 10.50 3.59
N SER A 108 -6.00 10.98 4.70
CA SER A 108 -6.92 12.11 4.60
C SER A 108 -6.25 13.34 4.01
N GLN A 109 -4.96 13.55 4.33
CA GLN A 109 -4.32 14.77 3.90
C GLN A 109 -3.73 14.65 2.51
N PHE A 110 -3.27 13.46 2.12
CA PHE A 110 -2.40 13.38 0.95
C PHE A 110 -2.80 12.36 -0.10
N SER A 111 -3.83 11.57 0.12
CA SER A 111 -4.16 10.58 -0.89
C SER A 111 -4.78 11.27 -2.10
N ASP A 112 -4.37 10.83 -3.30
CA ASP A 112 -4.97 11.36 -4.51
C ASP A 112 -6.26 10.64 -4.88
N CYS A 113 -6.87 9.94 -3.96
CA CYS A 113 -8.12 9.25 -4.20
C CYS A 113 -9.23 9.96 -3.45
N SER A 114 -10.42 9.99 -4.05
CA SER A 114 -11.55 10.65 -3.40
C SER A 114 -11.86 10.01 -2.06
N SER A 115 -11.35 8.80 -1.82
CA SER A 115 -11.57 8.15 -0.54
C SER A 115 -10.78 8.80 0.58
N ALA A 116 -9.95 9.79 0.25
CA ALA A 116 -9.22 10.55 1.26
C ALA A 116 -10.19 11.11 2.29
N LYS A 117 -11.38 11.52 1.84
CA LYS A 117 -12.37 12.09 2.75
C LYS A 117 -12.89 11.08 3.75
N ALA A 118 -12.64 9.79 3.53
CA ALA A 118 -13.06 8.76 4.46
C ALA A 118 -11.85 8.05 5.06
N ARG A 119 -10.78 8.80 5.32
CA ARG A 119 -9.53 8.28 5.90
C ARG A 119 -8.98 7.11 5.07
N GLY A 120 -9.27 7.14 3.77
CA GLY A 120 -8.77 6.15 2.83
C GLY A 120 -9.61 4.91 2.69
N ASP A 121 -10.67 4.78 3.48
CA ASP A 121 -11.45 3.54 3.52
C ASP A 121 -12.21 3.33 2.22
N LEU A 122 -12.09 2.11 1.68
CA LEU A 122 -12.77 1.72 0.45
C LEU A 122 -13.96 0.81 0.71
N GLY A 123 -14.20 0.42 1.95
CA GLY A 123 -15.21 -0.56 2.27
C GLY A 123 -14.75 -1.97 1.96
N ALA A 124 -15.68 -2.91 2.12
CA ALA A 124 -15.44 -4.31 1.81
C ALA A 124 -15.58 -4.55 0.31
N PHE A 125 -14.87 -5.57 -0.17
CA PHE A 125 -14.91 -5.95 -1.58
C PHE A 125 -14.40 -7.38 -1.73
N SER A 126 -14.72 -7.97 -2.86
CA SER A 126 -14.31 -9.34 -3.16
C SER A 126 -13.34 -9.34 -4.34
N ARG A 127 -12.79 -10.51 -4.62
CA ARG A 127 -11.99 -10.67 -5.82
C ARG A 127 -12.85 -10.40 -7.03
N GLY A 128 -12.26 -9.77 -8.05
CA GLY A 128 -12.99 -9.41 -9.25
C GLY A 128 -13.49 -7.98 -9.30
N GLN A 129 -13.29 -7.17 -8.25
CA GLN A 129 -13.77 -5.79 -8.28
C GLN A 129 -12.66 -4.76 -8.43
N MET A 130 -11.50 -4.98 -7.81
CA MET A 130 -10.43 -3.99 -7.85
C MET A 130 -9.42 -4.35 -8.93
N GLN A 131 -8.54 -3.41 -9.25
CA GLN A 131 -7.46 -3.73 -10.16
C GLN A 131 -6.60 -4.83 -9.55
N LYS A 132 -6.14 -5.75 -10.40
CA LYS A 132 -5.52 -6.98 -9.92
C LYS A 132 -4.39 -6.79 -8.92
N PRO A 133 -3.38 -5.94 -9.15
CA PRO A 133 -2.31 -5.83 -8.16
C PRO A 133 -2.81 -5.37 -6.80
N PHE A 134 -3.80 -4.47 -6.80
CA PHE A 134 -4.42 -4.03 -5.55
C PHE A 134 -5.16 -5.18 -4.89
N GLU A 135 -5.95 -5.90 -5.67
CA GLU A 135 -6.69 -7.05 -5.15
C GLU A 135 -5.75 -8.10 -4.57
N ASP A 136 -4.70 -8.47 -5.31
CA ASP A 136 -3.79 -9.50 -4.83
C ASP A 136 -3.14 -9.07 -3.52
N ALA A 137 -2.74 -7.81 -3.44
CA ALA A 137 -2.07 -7.36 -2.22
C ALA A 137 -3.05 -7.34 -1.06
N SER A 138 -4.28 -6.92 -1.33
CA SER A 138 -5.28 -6.79 -0.28
C SER A 138 -5.59 -8.15 0.33
N PHE A 139 -5.75 -9.17 -0.51
CA PHE A 139 -6.08 -10.50 -0.02
C PHE A 139 -4.89 -11.25 0.54
N ALA A 140 -3.65 -10.84 0.22
CA ALA A 140 -2.49 -11.44 0.85
C ALA A 140 -2.14 -10.80 2.18
N LEU A 141 -2.65 -9.59 2.43
CA LEU A 141 -2.49 -8.96 3.72
C LEU A 141 -3.31 -9.72 4.76
N ARG A 142 -2.85 -9.70 6.00
CA ARG A 142 -3.62 -10.18 7.12
C ARG A 142 -4.36 -8.98 7.73
N THR A 143 -5.43 -9.25 8.44
CA THR A 143 -6.13 -8.16 9.11
C THR A 143 -5.17 -7.39 10.01
N GLY A 144 -5.14 -6.07 9.83
CA GLY A 144 -4.25 -5.21 10.57
C GLY A 144 -2.96 -4.89 9.86
N GLU A 145 -2.62 -5.62 8.79
CA GLU A 145 -1.34 -5.48 8.13
C GLU A 145 -1.38 -4.44 7.03
N MET A 146 -0.19 -3.95 6.69
CA MET A 146 -0.02 -2.87 5.73
C MET A 146 0.93 -3.30 4.63
N SER A 147 0.65 -2.86 3.41
CA SER A 147 1.48 -3.24 2.27
C SER A 147 2.67 -2.30 2.14
N GLY A 148 3.60 -2.67 1.26
CA GLY A 148 4.56 -1.72 0.73
C GLY A 148 3.94 -1.03 -0.48
N PRO A 149 4.77 -0.46 -1.36
CA PRO A 149 4.23 0.17 -2.58
C PRO A 149 3.59 -0.87 -3.47
N VAL A 150 2.36 -0.60 -3.87
CA VAL A 150 1.60 -1.44 -4.79
C VAL A 150 1.27 -0.62 -6.03
N PHE A 151 1.59 -1.14 -7.22
CA PHE A 151 1.51 -0.38 -8.45
C PHE A 151 0.29 -0.84 -9.23
N THR A 152 -0.54 0.12 -9.65
CA THR A 152 -1.68 -0.13 -10.51
C THR A 152 -1.68 0.95 -11.58
N ASP A 153 -2.66 0.90 -12.49
CA ASP A 153 -2.78 1.97 -13.48
C ASP A 153 -3.24 3.30 -12.87
N SER A 154 -3.76 3.32 -11.65
CA SER A 154 -4.11 4.61 -11.04
C SER A 154 -2.89 5.32 -10.47
N GLY A 155 -1.87 4.58 -10.04
CA GLY A 155 -0.70 5.16 -9.44
C GLY A 155 -0.04 4.14 -8.52
N ILE A 156 0.42 4.63 -7.37
CA ILE A 156 1.07 3.81 -6.36
C ILE A 156 0.29 3.93 -5.05
N HIS A 157 0.00 2.78 -4.44
CA HIS A 157 -0.84 2.65 -3.26
C HIS A 157 -0.03 2.17 -2.05
N ILE A 158 -0.39 2.66 -0.86
CA ILE A 158 -0.17 1.95 0.40
C ILE A 158 -1.52 1.38 0.81
N ILE A 159 -1.57 0.09 1.15
CA ILE A 159 -2.83 -0.54 1.50
C ILE A 159 -2.80 -1.00 2.96
N LEU A 160 -3.89 -0.72 3.70
CA LEU A 160 -4.06 -1.17 5.07
C LEU A 160 -5.31 -2.05 5.16
N ARG A 161 -5.14 -3.31 5.53
CA ARG A 161 -6.30 -4.19 5.62
C ARG A 161 -6.94 -4.05 7.00
N THR A 162 -8.21 -3.65 7.01
CA THR A 162 -8.87 -3.37 8.27
C THR A 162 -9.85 -4.45 8.71
N GLU A 163 -10.33 -5.29 7.79
CA GLU A 163 -11.21 -6.40 8.10
C GLU A 163 -10.98 -7.56 7.14
N1 A1ED5 B . -8.54 5.16 -6.77
C4 A1ED5 B . -8.46 1.00 -6.61
C5 A1ED5 B . -8.22 -0.47 -6.79
C6 A1ED5 B . -6.92 0.67 -8.34
C7 A1ED5 B . -9.26 1.69 -5.73
C8 A1ED5 B . -9.29 3.08 -5.79
C1 A1ED5 B . -8.51 3.77 -6.72
C2 A1ED5 B . -7.69 3.06 -7.61
C3 A1ED5 B . -7.68 1.68 -7.54
O1 A1ED5 B . -7.55 -0.57 -8.05
O1 PE4 C . 4.69 -4.46 7.30
C1 PE4 C . 4.69 -3.46 6.31
C2 PE4 C . 5.86 -3.59 5.39
O2 PE4 C . 5.97 -2.40 4.61
C3 PE4 C . 6.71 -2.60 3.42
C4 PE4 C . 7.34 -1.33 3.09
O3 PE4 C . 8.17 -0.97 4.18
C5 PE4 C . 9.49 -0.72 3.73
C6 PE4 C . 10.11 0.24 4.66
O4 PE4 C . 10.42 -0.42 5.87
C7 PE4 C . 10.98 0.50 6.79
C8 PE4 C . 11.77 -0.19 7.83
O5 PE4 C . 11.11 -1.39 8.18
C9 PE4 C . 11.71 -2.51 7.56
C10 PE4 C . 12.29 -3.36 8.61
O6 PE4 C . 12.98 -4.42 7.97
C11 PE4 C . 13.89 -3.96 6.99
C12 PE4 C . 14.63 -5.12 6.46
O7 PE4 C . 15.40 -4.70 5.33
C13 PE4 C . 14.56 -4.17 4.31
C14 PE4 C . 15.33 -3.95 3.05
O8 PE4 C . 14.41 -3.53 2.04
C15 PE4 C . 13.89 -2.22 2.28
C16 PE4 C . 12.82 -1.87 1.35
S SO4 D . -6.53 -12.82 9.14
O1 SO4 D . -6.23 -14.21 9.47
O2 SO4 D . -6.28 -12.61 7.70
O3 SO4 D . -7.93 -12.51 9.44
O4 SO4 D . -5.67 -11.94 9.92
S SO4 E . -8.30 6.58 -11.36
O1 SO4 E . -8.46 5.58 -10.32
O2 SO4 E . -6.98 6.54 -11.97
O3 SO4 E . -9.26 6.31 -12.44
O4 SO4 E . -8.56 7.89 -10.76
#